data_7LBO
#
_entry.id   7LBO
#
_cell.length_a   114.182
_cell.length_b   71.441
_cell.length_c   82.786
_cell.angle_alpha   90.000
_cell.angle_beta   129.110
_cell.angle_gamma   90.000
#
_symmetry.space_group_name_H-M   'C 1 2 1'
#
loop_
_entity.id
_entity.type
_entity.pdbx_description
1 polymer 'Baculoviral IAP repeat-containing protein 5'
2 polymer 'histone H3 T3phK4me1 peptide'
3 non-polymer 'ZINC ION'
4 water water
#
loop_
_entity_poly.entity_id
_entity_poly.type
_entity_poly.pdbx_seq_one_letter_code
_entity_poly.pdbx_strand_id
1 'polypeptide(L)'
;GSHEMGAPTLPPAWQPFLKDHRISTFKNWPFLEGCACTPERMAEAGFIHCPTENEPDLAQCFFCFKELEGWEPDDDPIEE
HKKHSSGCAFLSVKKQFEELTLGEFLKLDRERAKNKIAKETNNKKKEFEETAKKVRRAIEQLAAMD
;
A,B
2 'polypeptide(L)' AR(TPO)(MLZ)QTARKSTG C,F
#
loop_
_chem_comp.id
_chem_comp.type
_chem_comp.name
_chem_comp.formula
ZN non-polymer 'ZINC ION' 'Zn 2'
#
# COMPACT_ATOMS: atom_id res chain seq x y z
N THR A 9 1.88 -10.26 -1.86
CA THR A 9 2.13 -9.21 -2.90
C THR A 9 1.83 -7.78 -2.38
N LEU A 10 2.69 -7.29 -1.48
CA LEU A 10 2.53 -5.96 -0.83
C LEU A 10 3.73 -5.04 -1.08
N PRO A 11 3.50 -3.73 -1.09
CA PRO A 11 4.55 -2.75 -1.33
C PRO A 11 5.75 -2.87 -0.41
N PRO A 12 6.97 -2.82 -0.97
CA PRO A 12 8.21 -2.91 -0.19
C PRO A 12 8.20 -2.13 1.14
N ALA A 13 7.65 -0.93 1.12
CA ALA A 13 7.62 -0.07 2.29
C ALA A 13 6.80 -0.66 3.44
N TRP A 14 5.81 -1.49 3.14
CA TRP A 14 4.94 -2.12 4.16
C TRP A 14 5.33 -3.52 4.58
N GLN A 15 6.23 -4.13 3.82
CA GLN A 15 6.72 -5.49 4.12
C GLN A 15 7.12 -5.66 5.59
N PRO A 16 7.78 -4.65 6.18
CA PRO A 16 8.28 -4.89 7.53
C PRO A 16 7.21 -5.10 8.59
N PHE A 17 5.97 -4.76 8.26
CA PHE A 17 4.84 -5.08 9.15
C PHE A 17 4.55 -6.59 9.16
N LEU A 18 5.04 -7.33 8.18
CA LEU A 18 4.81 -8.78 8.07
C LEU A 18 5.90 -9.57 8.74
N LYS A 19 5.47 -10.50 9.59
CA LYS A 19 6.36 -11.31 10.38
C LYS A 19 7.31 -12.07 9.52
N ASP A 20 6.82 -12.67 8.45
CA ASP A 20 7.65 -13.50 7.56
C ASP A 20 8.72 -12.73 6.84
N HIS A 21 8.44 -11.47 6.52
CA HIS A 21 9.46 -10.61 5.94
C HIS A 21 10.58 -10.36 6.94
N ARG A 22 10.17 -10.08 8.18
CA ARG A 22 11.12 -9.74 9.22
C ARG A 22 12.01 -10.94 9.50
N ILE A 23 11.41 -12.11 9.64
CA ILE A 23 12.19 -13.34 9.81
C ILE A 23 13.22 -13.42 8.71
N SER A 24 12.79 -13.21 7.46
CA SER A 24 13.70 -13.40 6.32
C SER A 24 14.86 -12.44 6.32
N THR A 25 14.84 -11.36 7.10
CA THR A 25 16.03 -10.48 7.16
C THR A 25 17.22 -11.13 7.88
N PHE A 26 16.93 -12.14 8.70
CA PHE A 26 17.93 -12.75 9.56
C PHE A 26 18.80 -13.70 8.76
N LYS A 27 19.85 -13.13 8.17
CA LYS A 27 20.80 -13.87 7.37
C LYS A 27 22.02 -14.14 8.28
N ASN A 28 22.34 -15.40 8.53
CA ASN A 28 23.46 -15.72 9.42
C ASN A 28 23.31 -15.19 10.85
N TRP A 29 22.09 -15.17 11.39
CA TRP A 29 21.90 -14.84 12.79
C TRP A 29 22.55 -15.95 13.62
N PRO A 30 23.33 -15.59 14.64
CA PRO A 30 24.02 -16.68 15.34
C PRO A 30 23.16 -17.47 16.34
N PHE A 31 22.05 -16.91 16.83
CA PHE A 31 21.29 -17.58 17.88
C PHE A 31 20.12 -18.38 17.32
N LEU A 32 20.30 -19.70 17.19
CA LEU A 32 19.27 -20.54 16.57
C LEU A 32 18.62 -21.44 17.63
N GLU A 33 18.17 -22.63 17.26
CA GLU A 33 17.51 -23.52 18.20
C GLU A 33 18.35 -23.75 19.47
N GLY A 34 17.69 -23.74 20.61
CA GLY A 34 18.31 -23.83 21.92
C GLY A 34 18.28 -22.48 22.60
N CYS A 35 18.24 -21.42 21.80
CA CYS A 35 18.30 -20.06 22.31
C CYS A 35 16.93 -19.42 22.39
N ALA A 36 16.80 -18.42 23.25
CA ALA A 36 15.56 -17.69 23.43
C ALA A 36 15.36 -16.61 22.37
N CYS A 37 16.46 -15.98 21.91
CA CYS A 37 16.38 -14.92 20.88
C CYS A 37 16.61 -15.47 19.47
N THR A 38 15.80 -16.41 19.06
CA THR A 38 15.84 -16.95 17.71
C THR A 38 15.29 -15.95 16.68
N PRO A 39 15.53 -16.20 15.39
CA PRO A 39 14.89 -15.39 14.35
C PRO A 39 13.37 -15.30 14.50
N GLU A 40 12.71 -16.43 14.71
CA GLU A 40 11.26 -16.45 14.93
C GLU A 40 10.89 -15.47 16.06
N ARG A 41 11.58 -15.51 17.20
CA ARG A 41 11.19 -14.67 18.35
C ARG A 41 11.63 -13.20 18.16
N MET A 42 12.73 -12.96 17.44
CA MET A 42 13.16 -11.58 17.11
C MET A 42 12.11 -10.94 16.21
N ALA A 43 11.76 -11.63 15.13
CA ALA A 43 10.72 -11.16 14.26
C ALA A 43 9.37 -10.96 14.98
N GLU A 44 8.99 -11.90 15.84
CA GLU A 44 7.71 -11.79 16.56
C GLU A 44 7.75 -10.49 17.36
N ALA A 45 8.93 -10.08 17.81
CA ALA A 45 9.06 -8.89 18.65
C ALA A 45 9.23 -7.61 17.87
N GLY A 46 9.30 -7.67 16.55
CA GLY A 46 9.40 -6.43 15.77
C GLY A 46 10.76 -6.15 15.12
N PHE A 47 11.76 -6.96 15.44
CA PHE A 47 13.11 -6.69 14.98
C PHE A 47 13.37 -7.20 13.58
N ILE A 48 14.23 -6.46 12.89
CA ILE A 48 14.87 -6.93 11.68
C ILE A 48 16.40 -6.88 11.88
N HIS A 49 17.09 -7.67 11.08
CA HIS A 49 18.52 -7.82 11.23
C HIS A 49 19.21 -6.77 10.37
N CYS A 50 20.01 -5.88 10.98
CA CYS A 50 20.71 -4.83 10.26
C CYS A 50 22.20 -4.94 10.45
N PRO A 51 22.79 -6.12 10.17
CA PRO A 51 24.20 -6.39 10.50
C PRO A 51 25.17 -5.44 9.83
N THR A 52 26.34 -5.23 10.43
CA THR A 52 27.45 -4.58 9.76
C THR A 52 28.66 -5.50 9.93
N GLU A 53 29.80 -5.16 9.31
CA GLU A 53 31.07 -5.87 9.60
C GLU A 53 31.37 -5.67 11.08
N ASN A 54 31.21 -4.43 11.54
CA ASN A 54 31.48 -4.05 12.94
C ASN A 54 30.52 -4.65 13.96
N GLU A 55 29.23 -4.66 13.64
CA GLU A 55 28.17 -4.93 14.60
C GLU A 55 27.29 -6.03 14.00
N PRO A 56 27.82 -7.25 13.95
CA PRO A 56 27.22 -8.33 13.16
C PRO A 56 25.88 -8.83 13.69
N ASP A 57 25.62 -8.60 14.98
CA ASP A 57 24.33 -8.99 15.60
C ASP A 57 23.33 -7.82 15.69
N LEU A 58 23.52 -6.79 14.88
CA LEU A 58 22.69 -5.59 15.04
C LEU A 58 21.26 -5.82 14.60
N ALA A 59 20.33 -5.41 15.46
CA ALA A 59 18.91 -5.53 15.15
C ALA A 59 18.21 -4.24 15.46
N GLN A 60 17.17 -3.96 14.69
CA GLN A 60 16.39 -2.76 14.87
C GLN A 60 14.89 -3.03 14.80
N CYS A 61 14.13 -2.42 15.69
CA CYS A 61 12.68 -2.44 15.60
C CYS A 61 12.23 -1.69 14.34
N PHE A 62 11.46 -2.33 13.49
CA PHE A 62 10.98 -1.67 12.25
C PHE A 62 10.05 -0.52 12.54
N PHE A 63 9.47 -0.51 13.75
CA PHE A 63 8.40 0.41 14.10
C PHE A 63 8.86 1.63 14.87
N CYS A 64 9.67 1.42 15.92
CA CYS A 64 10.21 2.53 16.73
C CYS A 64 11.70 2.83 16.46
N PHE A 65 12.35 2.01 15.66
CA PHE A 65 13.73 2.26 15.16
C PHE A 65 14.84 2.18 16.22
N LYS A 66 14.47 1.66 17.39
CA LYS A 66 15.45 1.36 18.41
C LYS A 66 16.37 0.28 17.87
N GLU A 67 17.66 0.45 18.14
CA GLU A 67 18.72 -0.41 17.63
C GLU A 67 19.44 -1.08 18.78
N LEU A 68 19.46 -2.41 18.80
CA LEU A 68 20.10 -3.13 19.90
C LEU A 68 21.10 -4.13 19.37
N GLU A 69 22.22 -4.19 20.09
CA GLU A 69 23.31 -5.09 19.80
C GLU A 69 23.61 -5.81 21.10
N GLY A 70 24.63 -6.67 21.08
CA GLY A 70 25.08 -7.38 22.27
C GLY A 70 24.09 -8.41 22.76
N TRP A 71 23.35 -8.99 21.81
CA TRP A 71 22.40 -10.06 22.11
C TRP A 71 23.10 -11.24 22.77
N GLU A 72 22.46 -11.75 23.82
CA GLU A 72 22.84 -12.99 24.48
C GLU A 72 21.80 -14.08 24.26
N PRO A 73 22.21 -15.34 24.23
CA PRO A 73 21.27 -16.41 23.88
C PRO A 73 20.00 -16.49 24.75
N ASP A 74 20.09 -16.15 26.03
CA ASP A 74 18.95 -16.21 26.96
C ASP A 74 18.08 -14.96 26.89
N ASP A 75 18.46 -13.99 26.07
CA ASP A 75 17.65 -12.76 25.93
C ASP A 75 16.28 -13.07 25.31
N ASP A 76 15.20 -12.72 26.02
CA ASP A 76 13.86 -12.74 25.46
C ASP A 76 13.60 -11.43 24.70
N PRO A 77 13.58 -11.49 23.36
CA PRO A 77 13.50 -10.27 22.55
C PRO A 77 12.38 -9.31 22.94
N ILE A 78 11.24 -9.86 23.37
CA ILE A 78 10.12 -9.02 23.75
C ILE A 78 10.43 -8.28 25.03
N GLU A 79 11.02 -8.94 25.99
CA GLU A 79 11.40 -8.25 27.20
C GLU A 79 12.44 -7.18 26.89
N GLU A 80 13.33 -7.48 25.97
CA GLU A 80 14.38 -6.52 25.62
C GLU A 80 13.79 -5.30 24.91
N HIS A 81 12.79 -5.53 24.05
CA HIS A 81 12.10 -4.44 23.39
C HIS A 81 11.43 -3.58 24.44
N LYS A 82 10.70 -4.21 25.36
CA LYS A 82 10.03 -3.48 26.44
C LYS A 82 11.00 -2.63 27.23
N LYS A 83 12.06 -3.25 27.76
CA LYS A 83 13.03 -2.51 28.58
C LYS A 83 13.60 -1.34 27.79
N HIS A 84 14.08 -1.58 26.57
CA HIS A 84 14.83 -0.56 25.85
C HIS A 84 13.99 0.49 25.09
N SER A 85 12.74 0.19 24.79
CA SER A 85 11.86 1.16 24.11
C SER A 85 10.38 0.96 24.49
N SER A 86 10.04 1.27 25.75
CA SER A 86 8.75 0.89 26.34
C SER A 86 7.57 1.66 25.73
N GLY A 87 7.83 2.84 25.17
CA GLY A 87 6.78 3.58 24.44
C GLY A 87 6.38 3.04 23.05
N CYS A 88 7.05 2.00 22.56
CA CYS A 88 6.80 1.50 21.21
C CYS A 88 5.39 0.88 21.05
N ALA A 89 4.61 1.43 20.13
CA ALA A 89 3.19 1.06 19.99
C ALA A 89 2.98 -0.31 19.38
N PHE A 90 3.97 -0.80 18.63
CA PHE A 90 3.92 -2.14 18.10
C PHE A 90 3.79 -3.17 19.18
N LEU A 91 4.34 -2.85 20.35
CA LEU A 91 4.23 -3.74 21.49
C LEU A 91 2.80 -3.89 21.92
N SER A 92 1.97 -2.88 21.66
CA SER A 92 0.55 -2.93 22.03
C SER A 92 -0.30 -3.70 21.06
N VAL A 93 0.21 -3.99 19.89
CA VAL A 93 -0.61 -4.62 18.88
C VAL A 93 -0.88 -6.07 19.20
N LYS A 94 -2.12 -6.36 19.53
CA LYS A 94 -2.52 -7.70 19.93
C LYS A 94 -2.96 -8.53 18.70
N LYS A 95 -3.62 -7.89 17.73
CA LYS A 95 -4.20 -8.62 16.59
C LYS A 95 -3.14 -9.01 15.57
N GLN A 96 -3.41 -10.11 14.86
CA GLN A 96 -2.67 -10.48 13.64
C GLN A 96 -2.81 -9.37 12.56
N PHE A 97 -1.84 -9.29 11.66
CA PHE A 97 -1.84 -8.25 10.61
C PHE A 97 -3.15 -8.17 9.80
N GLU A 98 -3.66 -9.33 9.41
CA GLU A 98 -4.83 -9.33 8.56
C GLU A 98 -6.12 -9.11 9.33
N GLU A 99 -6.06 -9.07 10.67
CA GLU A 99 -7.23 -8.80 11.48
C GLU A 99 -7.31 -7.31 11.76
N LEU A 100 -6.26 -6.57 11.43
CA LEU A 100 -6.34 -5.09 11.52
C LEU A 100 -7.27 -4.49 10.48
N THR A 101 -7.95 -3.42 10.84
CA THR A 101 -8.66 -2.67 9.86
C THR A 101 -7.64 -1.75 9.21
N LEU A 102 -7.98 -1.33 8.01
CA LEU A 102 -7.16 -0.39 7.28
C LEU A 102 -7.02 0.89 8.08
N GLY A 103 -8.09 1.33 8.74
CA GLY A 103 -8.00 2.51 9.59
C GLY A 103 -6.98 2.29 10.69
N GLU A 104 -7.03 1.14 11.33
CA GLU A 104 -6.02 0.82 12.37
C GLU A 104 -4.62 0.79 11.79
N PHE A 105 -4.50 0.15 10.62
CA PHE A 105 -3.21 0.01 9.98
C PHE A 105 -2.63 1.35 9.58
N LEU A 106 -3.44 2.17 8.94
CA LEU A 106 -3.02 3.53 8.62
C LEU A 106 -2.66 4.35 9.84
N LYS A 107 -3.37 4.20 10.95
CA LYS A 107 -3.01 4.90 12.20
C LYS A 107 -1.59 4.44 12.62
N LEU A 108 -1.35 3.15 12.51
CA LEU A 108 -0.04 2.62 12.85
C LEU A 108 1.08 3.10 11.95
N ASP A 109 0.82 3.18 10.66
CA ASP A 109 1.87 3.58 9.71
C ASP A 109 2.22 5.03 9.88
N ARG A 110 1.23 5.85 10.25
CA ARG A 110 1.50 7.24 10.63
C ARG A 110 2.37 7.35 11.85
N GLU A 111 2.16 6.52 12.86
CA GLU A 111 3.00 6.63 14.04
C GLU A 111 4.42 6.17 13.66
N ARG A 112 4.53 5.20 12.78
CA ARG A 112 5.85 4.73 12.37
C ARG A 112 6.64 5.85 11.67
N ALA A 113 5.98 6.56 10.78
CA ALA A 113 6.61 7.67 10.07
C ALA A 113 7.07 8.74 11.05
N LYS A 114 6.23 9.07 12.03
CA LYS A 114 6.61 10.02 13.08
C LYS A 114 7.79 9.48 13.87
N ASN A 115 7.84 8.17 14.12
CA ASN A 115 8.98 7.68 14.86
C ASN A 115 10.26 7.84 14.05
N LYS A 116 10.16 7.62 12.75
CA LYS A 116 11.31 7.67 11.83
C LYS A 116 11.89 9.06 11.81
N ILE A 117 11.00 10.02 11.64
CA ILE A 117 11.34 11.41 11.68
C ILE A 117 12.01 11.77 13.00
N ALA A 118 11.39 11.39 14.12
CA ALA A 118 11.96 11.71 15.45
C ALA A 118 13.37 11.17 15.59
N LYS A 119 13.61 9.98 15.06
CA LYS A 119 14.92 9.35 15.17
C LYS A 119 15.92 10.13 14.36
N GLU A 120 15.54 10.45 13.12
CA GLU A 120 16.38 11.21 12.23
C GLU A 120 16.69 12.58 12.80
N THR A 121 15.72 13.21 13.45
CA THR A 121 16.02 14.53 13.98
C THR A 121 16.85 14.37 15.24
N ASN A 122 16.68 13.29 15.98
CA ASN A 122 17.50 13.14 17.17
C ASN A 122 18.96 12.96 16.74
N ASN A 123 19.18 12.28 15.63
CA ASN A 123 20.51 12.07 15.10
C ASN A 123 21.14 13.37 14.66
N LYS A 124 20.39 14.15 13.89
CA LYS A 124 20.88 15.44 13.45
C LYS A 124 21.28 16.33 14.63
N LYS A 125 20.45 16.35 15.69
CA LYS A 125 20.72 17.14 16.89
C LYS A 125 22.08 16.74 17.51
N LYS A 126 22.37 15.45 17.58
CA LYS A 126 23.64 15.02 18.22
C LYS A 126 24.86 15.35 17.33
N GLU A 127 24.70 15.21 16.01
CA GLU A 127 25.78 15.54 15.10
C GLU A 127 26.08 17.04 15.13
N PHE A 128 25.03 17.84 15.08
CA PHE A 128 25.16 19.28 15.18
C PHE A 128 25.91 19.70 16.44
N GLU A 129 25.49 19.16 17.57
CA GLU A 129 26.04 19.55 18.88
C GLU A 129 27.50 19.17 18.98
N GLU A 130 27.84 18.07 18.34
CA GLU A 130 29.23 17.66 18.26
C GLU A 130 30.06 18.60 17.39
N THR A 131 29.52 19.01 16.25
CA THR A 131 30.19 20.02 15.40
C THR A 131 30.32 21.33 16.17
N ALA A 132 29.25 21.73 16.84
CA ALA A 132 29.32 22.95 17.64
C ALA A 132 30.45 22.87 18.66
N LYS A 133 30.66 21.70 19.27
CA LYS A 133 31.74 21.57 20.27
C LYS A 133 33.10 21.77 19.60
N LYS A 134 33.30 21.19 18.43
CA LYS A 134 34.57 21.38 17.72
C LYS A 134 34.82 22.85 17.36
N VAL A 135 33.81 23.53 16.87
CA VAL A 135 33.99 24.93 16.47
C VAL A 135 34.37 25.79 17.68
N ARG A 136 33.62 25.58 18.76
CA ARG A 136 33.79 26.30 20.00
C ARG A 136 35.22 26.14 20.50
N ARG A 137 35.64 24.88 20.61
CA ARG A 137 36.95 24.59 21.12
C ARG A 137 38.02 25.29 20.29
N ALA A 138 37.86 25.24 18.97
CA ALA A 138 38.87 25.82 18.09
C ALA A 138 38.96 27.33 18.26
N ILE A 139 37.82 27.98 18.44
CA ILE A 139 37.79 29.40 18.70
C ILE A 139 38.44 29.74 20.04
N GLU A 140 38.10 28.98 21.07
CA GLU A 140 38.75 29.13 22.38
C GLU A 140 40.27 28.98 22.28
N GLN A 141 40.73 28.00 21.50
CA GLN A 141 42.17 27.78 21.39
C GLN A 141 42.84 28.97 20.76
N LEU A 142 42.20 29.54 19.76
CA LEU A 142 42.78 30.70 19.07
C LEU A 142 42.90 31.90 20.02
N ALA A 143 41.82 32.20 20.74
CA ALA A 143 41.78 33.34 21.68
C ALA A 143 42.87 33.26 22.77
N ALA A 144 43.23 32.03 23.18
CA ALA A 144 44.39 31.76 24.05
C ALA A 144 45.75 32.32 23.54
N MET A 145 46.20 31.83 22.38
CA MET A 145 47.47 32.25 21.75
C MET A 145 48.09 31.05 21.03
N THR B 9 -1.21 8.23 2.28
CA THR B 9 0.03 7.85 1.54
C THR B 9 0.02 6.35 1.14
N LEU B 10 -0.80 6.04 0.13
CA LEU B 10 -0.97 4.67 -0.36
C LEU B 10 -0.45 4.51 -1.77
N PRO B 11 0.00 3.29 -2.11
CA PRO B 11 0.61 3.01 -3.41
C PRO B 11 -0.33 3.32 -4.57
N PRO B 12 0.18 3.96 -5.62
CA PRO B 12 -0.61 4.31 -6.80
C PRO B 12 -1.59 3.22 -7.28
N ALA B 13 -1.15 1.98 -7.24
CA ALA B 13 -1.97 0.86 -7.69
C ALA B 13 -3.23 0.66 -6.86
N TRP B 14 -3.19 1.05 -5.57
CA TRP B 14 -4.34 0.93 -4.65
C TRP B 14 -5.22 2.17 -4.51
N GLN B 15 -4.75 3.32 -5.00
CA GLN B 15 -5.49 4.56 -4.94
C GLN B 15 -6.93 4.44 -5.40
N PRO B 16 -7.16 3.68 -6.49
CA PRO B 16 -8.53 3.66 -7.00
C PRO B 16 -9.56 3.06 -6.03
N PHE B 17 -9.10 2.39 -4.99
CA PHE B 17 -10.02 1.91 -3.93
C PHE B 17 -10.53 3.06 -3.05
N LEU B 18 -9.86 4.21 -3.13
CA LEU B 18 -10.25 5.39 -2.35
C LEU B 18 -11.18 6.30 -3.12
N LYS B 19 -12.29 6.65 -2.48
CA LYS B 19 -13.34 7.41 -3.05
C LYS B 19 -12.83 8.73 -3.53
N ASP B 20 -12.01 9.38 -2.72
CA ASP B 20 -11.51 10.73 -3.05
C ASP B 20 -10.58 10.75 -4.27
N HIS B 21 -9.81 9.68 -4.46
CA HIS B 21 -9.01 9.54 -5.66
C HIS B 21 -9.93 9.44 -6.87
N ARG B 22 -10.98 8.63 -6.76
CA ARG B 22 -11.87 8.40 -7.86
C ARG B 22 -12.57 9.70 -8.25
N ILE B 23 -13.09 10.42 -7.25
CA ILE B 23 -13.71 11.71 -7.50
C ILE B 23 -12.73 12.58 -8.29
N SER B 24 -11.47 12.62 -7.87
CA SER B 24 -10.52 13.51 -8.52
C SER B 24 -10.25 13.19 -10.00
N THR B 25 -10.59 11.99 -10.47
CA THR B 25 -10.39 11.66 -11.89
C THR B 25 -11.35 12.45 -12.79
N PHE B 26 -12.45 12.94 -12.23
CA PHE B 26 -13.49 13.61 -12.99
C PHE B 26 -13.09 15.03 -13.32
N LYS B 27 -12.38 15.18 -14.44
CA LYS B 27 -11.91 16.46 -14.94
C LYS B 27 -12.89 16.87 -16.00
N ASN B 28 -13.56 17.99 -15.80
CA ASN B 28 -14.51 18.46 -16.80
C ASN B 28 -15.66 17.47 -17.06
N TRP B 29 -16.13 16.80 -16.02
CA TRP B 29 -17.34 16.01 -16.14
C TRP B 29 -18.50 16.97 -16.36
N PRO B 30 -19.38 16.68 -17.33
CA PRO B 30 -20.43 17.69 -17.57
C PRO B 30 -21.60 17.64 -16.55
N PHE B 31 -21.82 16.53 -15.87
CA PHE B 31 -23.02 16.43 -15.03
C PHE B 31 -22.73 16.80 -13.57
N LEU B 32 -23.02 18.04 -13.21
CA LEU B 32 -22.68 18.54 -11.87
C LEU B 32 -23.94 18.76 -11.07
N GLU B 33 -24.00 19.79 -10.24
CA GLU B 33 -25.11 19.92 -9.32
C GLU B 33 -26.40 19.99 -10.11
N GLY B 34 -27.41 19.30 -9.57
CA GLY B 34 -28.72 19.21 -10.19
C GLY B 34 -28.92 17.82 -10.78
N CYS B 35 -27.82 17.17 -11.12
CA CYS B 35 -27.86 15.88 -11.83
C CYS B 35 -27.68 14.74 -10.86
N ALA B 36 -28.13 13.55 -11.26
CA ALA B 36 -28.02 12.35 -10.46
C ALA B 36 -26.66 11.67 -10.59
N CYS B 37 -26.06 11.71 -11.78
CA CYS B 37 -24.73 11.14 -12.01
C CYS B 37 -23.59 12.17 -11.83
N THR B 38 -23.51 12.77 -10.64
CA THR B 38 -22.43 13.69 -10.30
C THR B 38 -21.11 12.96 -10.08
N PRO B 39 -20.00 13.70 -10.06
CA PRO B 39 -18.74 13.07 -9.67
C PRO B 39 -18.81 12.32 -8.32
N GLU B 40 -19.39 12.93 -7.29
CA GLU B 40 -19.55 12.27 -5.99
C GLU B 40 -20.26 10.91 -6.17
N ARG B 41 -21.34 10.87 -6.94
CA ARG B 41 -22.13 9.63 -7.04
C ARG B 41 -21.45 8.62 -8.00
N MET B 42 -20.72 9.11 -8.99
CA MET B 42 -19.98 8.21 -9.88
C MET B 42 -18.91 7.49 -9.05
N ALA B 43 -18.15 8.27 -8.32
CA ALA B 43 -17.13 7.74 -7.48
C ALA B 43 -17.67 6.80 -6.40
N GLU B 44 -18.81 7.16 -5.81
CA GLU B 44 -19.41 6.31 -4.80
C GLU B 44 -19.74 4.95 -5.43
N ALA B 45 -20.10 4.95 -6.70
CA ALA B 45 -20.48 3.73 -7.40
C ALA B 45 -19.28 2.96 -7.95
N GLY B 46 -18.05 3.46 -7.81
CA GLY B 46 -16.90 2.71 -8.32
C GLY B 46 -16.24 3.22 -9.57
N PHE B 47 -16.84 4.22 -10.20
CA PHE B 47 -16.33 4.67 -11.50
C PHE B 47 -15.17 5.65 -11.40
N ILE B 48 -14.32 5.61 -12.39
CA ILE B 48 -13.36 6.67 -12.67
C ILE B 48 -13.57 7.16 -14.11
N HIS B 49 -13.11 8.38 -14.36
CA HIS B 49 -13.36 9.04 -15.61
C HIS B 49 -12.23 8.71 -16.54
N CYS B 50 -12.54 8.07 -17.66
CA CYS B 50 -11.49 7.64 -18.63
C CYS B 50 -11.75 8.25 -19.94
N PRO B 51 -11.91 9.59 -20.00
CA PRO B 51 -12.34 10.27 -21.26
C PRO B 51 -11.40 9.99 -22.39
N THR B 52 -11.92 10.06 -23.61
CA THR B 52 -11.07 10.14 -24.80
C THR B 52 -11.55 11.34 -25.58
N GLU B 53 -10.87 11.66 -26.70
CA GLU B 53 -11.36 12.63 -27.64
C GLU B 53 -12.72 12.10 -28.10
N ASN B 54 -12.73 10.81 -28.46
CA ASN B 54 -13.90 10.17 -29.05
C ASN B 54 -15.09 10.04 -28.11
N GLU B 55 -14.79 9.65 -26.87
CA GLU B 55 -15.77 9.19 -25.92
C GLU B 55 -15.58 10.00 -24.63
N PRO B 56 -15.95 11.29 -24.67
CA PRO B 56 -15.55 12.25 -23.63
C PRO B 56 -16.18 12.01 -22.29
N ASP B 57 -17.33 11.32 -22.28
CA ASP B 57 -17.99 10.98 -21.01
C ASP B 57 -17.70 9.53 -20.56
N LEU B 58 -16.58 8.95 -21.02
CA LEU B 58 -16.31 7.54 -20.72
C LEU B 58 -15.95 7.32 -19.28
N ALA B 59 -16.55 6.29 -18.70
CA ALA B 59 -16.26 5.95 -17.29
C ALA B 59 -16.07 4.46 -17.18
N GLN B 60 -15.18 4.07 -16.28
CA GLN B 60 -14.92 2.66 -16.04
C GLN B 60 -14.92 2.31 -14.54
N CYS B 61 -15.55 1.19 -14.18
CA CYS B 61 -15.45 0.64 -12.82
C CYS B 61 -14.01 0.21 -12.57
N PHE B 62 -13.38 0.76 -11.55
CA PHE B 62 -11.97 0.43 -11.23
C PHE B 62 -11.83 -1.03 -10.84
N PHE B 63 -12.95 -1.66 -10.44
CA PHE B 63 -12.94 -3.00 -9.89
C PHE B 63 -13.26 -4.11 -10.88
N CYS B 64 -14.34 -3.96 -11.65
CA CYS B 64 -14.71 -4.98 -12.69
C CYS B 64 -14.37 -4.55 -14.14
N PHE B 65 -13.92 -3.30 -14.32
CA PHE B 65 -13.42 -2.77 -15.56
C PHE B 65 -14.50 -2.59 -16.66
N LYS B 66 -15.77 -2.67 -16.28
CA LYS B 66 -16.86 -2.36 -17.18
C LYS B 66 -16.79 -0.89 -17.52
N GLU B 67 -17.02 -0.59 -18.81
CA GLU B 67 -16.84 0.72 -19.36
C GLU B 67 -18.15 1.21 -19.90
N LEU B 68 -18.65 2.34 -19.40
CA LEU B 68 -19.92 2.87 -19.86
C LEU B 68 -19.80 4.30 -20.33
N GLU B 69 -20.55 4.58 -21.41
CA GLU B 69 -20.64 5.89 -22.03
C GLU B 69 -22.12 6.23 -22.17
N GLY B 70 -22.39 7.39 -22.77
CA GLY B 70 -23.76 7.83 -23.05
C GLY B 70 -24.53 8.19 -21.81
N TRP B 71 -23.81 8.68 -20.80
CA TRP B 71 -24.41 9.12 -19.55
C TRP B 71 -25.45 10.20 -19.79
N GLU B 72 -26.59 10.05 -19.13
CA GLU B 72 -27.64 11.06 -19.08
C GLU B 72 -27.76 11.63 -17.66
N PRO B 73 -28.18 12.88 -17.53
CA PRO B 73 -28.20 13.53 -16.21
C PRO B 73 -29.01 12.82 -15.14
N ASP B 74 -30.11 12.16 -15.50
CA ASP B 74 -30.94 11.42 -14.53
C ASP B 74 -30.40 10.01 -14.22
N ASP B 75 -29.30 9.61 -14.85
CA ASP B 75 -28.75 8.26 -14.60
C ASP B 75 -28.23 8.15 -13.14
N ASP B 76 -28.77 7.19 -12.39
CA ASP B 76 -28.23 6.83 -11.09
C ASP B 76 -27.07 5.84 -11.32
N PRO B 77 -25.84 6.30 -11.10
CA PRO B 77 -24.67 5.47 -11.42
C PRO B 77 -24.68 4.08 -10.81
N ILE B 78 -25.24 3.94 -9.61
CA ILE B 78 -25.28 2.65 -8.95
C ILE B 78 -26.22 1.73 -9.68
N GLU B 79 -27.39 2.23 -10.05
CA GLU B 79 -28.31 1.42 -10.83
C GLU B 79 -27.71 1.02 -12.16
N GLU B 80 -26.97 1.94 -12.75
CA GLU B 80 -26.32 1.66 -14.01
C GLU B 80 -25.24 0.58 -13.85
N HIS B 81 -24.48 0.64 -12.75
CA HIS B 81 -23.46 -0.35 -12.50
C HIS B 81 -24.16 -1.70 -12.36
N LYS B 82 -25.20 -1.77 -11.52
CA LYS B 82 -25.95 -3.00 -11.31
C LYS B 82 -26.44 -3.59 -12.63
N LYS B 83 -27.14 -2.78 -13.43
CA LYS B 83 -27.68 -3.24 -14.72
C LYS B 83 -26.56 -3.81 -15.58
N HIS B 84 -25.52 -3.01 -15.78
CA HIS B 84 -24.52 -3.35 -16.78
C HIS B 84 -23.43 -4.35 -16.35
N SER B 85 -23.21 -4.49 -15.04
CA SER B 85 -22.20 -5.46 -14.53
C SER B 85 -22.60 -6.00 -13.17
N SER B 86 -23.67 -6.80 -13.14
CA SER B 86 -24.29 -7.20 -11.87
C SER B 86 -23.39 -8.11 -11.03
N GLY B 87 -22.46 -8.82 -11.66
CA GLY B 87 -21.52 -9.69 -10.94
C GLY B 87 -20.41 -8.98 -10.18
N CYS B 88 -20.32 -7.67 -10.31
CA CYS B 88 -19.21 -6.91 -9.73
C CYS B 88 -19.22 -6.92 -8.20
N ALA B 89 -18.15 -7.42 -7.59
CA ALA B 89 -18.11 -7.63 -6.15
C ALA B 89 -17.99 -6.34 -5.35
N PHE B 90 -17.47 -5.29 -5.97
CA PHE B 90 -17.46 -3.98 -5.31
C PHE B 90 -18.84 -3.52 -4.93
N LEU B 91 -19.82 -3.93 -5.71
CA LEU B 91 -21.20 -3.59 -5.41
C LEU B 91 -21.65 -4.19 -4.09
N SER B 92 -21.07 -5.32 -3.72
CA SER B 92 -21.43 -5.99 -2.46
C SER B 92 -20.79 -5.35 -1.25
N VAL B 93 -19.79 -4.51 -1.45
CA VAL B 93 -19.07 -3.97 -0.34
C VAL B 93 -19.95 -2.98 0.43
N LYS B 94 -20.35 -3.38 1.64
CA LYS B 94 -21.22 -2.56 2.46
C LYS B 94 -20.39 -1.58 3.32
N LYS B 95 -19.23 -2.03 3.82
CA LYS B 95 -18.43 -1.24 4.76
C LYS B 95 -17.64 -0.12 4.08
N GLN B 96 -17.39 0.95 4.82
CA GLN B 96 -16.43 1.97 4.41
C GLN B 96 -15.03 1.38 4.25
N PHE B 97 -14.21 2.01 3.40
CA PHE B 97 -12.87 1.49 3.09
C PHE B 97 -12.04 1.21 4.35
N GLU B 98 -12.08 2.14 5.30
CA GLU B 98 -11.23 2.02 6.46
C GLU B 98 -11.76 1.06 7.48
N GLU B 99 -12.97 0.56 7.27
CA GLU B 99 -13.57 -0.41 8.20
C GLU B 99 -13.25 -1.80 7.73
N LEU B 100 -12.76 -1.91 6.51
CA LEU B 100 -12.36 -3.23 6.03
C LEU B 100 -11.16 -3.73 6.82
N THR B 101 -11.08 -5.04 6.97
CA THR B 101 -9.85 -5.61 7.42
C THR B 101 -8.93 -5.76 6.24
N LEU B 102 -7.64 -5.84 6.55
CA LEU B 102 -6.62 -6.09 5.57
C LEU B 102 -6.88 -7.40 4.86
N GLY B 103 -7.34 -8.39 5.59
CA GLY B 103 -7.69 -9.66 4.96
C GLY B 103 -8.79 -9.48 3.94
N GLU B 104 -9.81 -8.71 4.31
CA GLU B 104 -10.93 -8.43 3.38
C GLU B 104 -10.42 -7.63 2.16
N PHE B 105 -9.59 -6.64 2.43
CA PHE B 105 -9.04 -5.82 1.40
C PHE B 105 -8.20 -6.60 0.42
N LEU B 106 -7.32 -7.42 0.93
CA LEU B 106 -6.50 -8.29 0.09
C LEU B 106 -7.32 -9.30 -0.70
N LYS B 107 -8.39 -9.82 -0.11
CA LYS B 107 -9.31 -10.69 -0.88
C LYS B 107 -9.88 -9.88 -2.08
N LEU B 108 -10.27 -8.64 -1.82
CA LEU B 108 -10.82 -7.81 -2.85
C LEU B 108 -9.83 -7.48 -3.97
N ASP B 109 -8.59 -7.22 -3.61
CA ASP B 109 -7.62 -6.88 -4.60
C ASP B 109 -7.32 -8.05 -5.49
N ARG B 110 -7.33 -9.25 -4.92
CA ARG B 110 -7.14 -10.45 -5.72
C ARG B 110 -8.25 -10.63 -6.70
N GLU B 111 -9.47 -10.31 -6.32
CA GLU B 111 -10.53 -10.44 -7.30
C GLU B 111 -10.36 -9.39 -8.41
N ARG B 112 -9.89 -8.21 -8.04
CA ARG B 112 -9.71 -7.15 -9.02
C ARG B 112 -8.67 -7.56 -10.08
N ALA B 113 -7.59 -8.17 -9.62
CA ALA B 113 -6.53 -8.65 -10.52
C ALA B 113 -7.04 -9.72 -11.48
N LYS B 114 -7.81 -10.66 -10.97
CA LYS B 114 -8.52 -11.62 -11.83
C LYS B 114 -9.47 -10.92 -12.81
N ASN B 115 -10.16 -9.87 -12.37
CA ASN B 115 -11.08 -9.22 -13.30
C ASN B 115 -10.30 -8.57 -14.41
N LYS B 116 -9.14 -8.01 -14.06
CA LYS B 116 -8.30 -7.31 -15.03
C LYS B 116 -7.84 -8.25 -16.11
N ILE B 117 -7.33 -9.39 -15.69
CA ILE B 117 -6.88 -10.42 -16.61
C ILE B 117 -8.01 -10.86 -17.51
N ALA B 118 -9.15 -11.19 -16.93
CA ALA B 118 -10.32 -11.60 -17.73
C ALA B 118 -10.67 -10.56 -18.79
N LYS B 119 -10.58 -9.29 -18.42
CA LYS B 119 -10.95 -8.22 -19.34
C LYS B 119 -9.94 -8.14 -20.48
N GLU B 120 -8.66 -8.19 -20.14
CA GLU B 120 -7.59 -8.14 -21.10
C GLU B 120 -7.73 -9.31 -22.04
N THR B 121 -8.13 -10.47 -21.54
CA THR B 121 -8.23 -11.60 -22.45
C THR B 121 -9.52 -11.47 -23.28
N ASN B 122 -10.56 -10.85 -22.74
CA ASN B 122 -11.73 -10.62 -23.57
C ASN B 122 -11.40 -9.64 -24.72
N ASN B 123 -10.58 -8.65 -24.44
CA ASN B 123 -10.18 -7.71 -25.45
C ASN B 123 -9.37 -8.41 -26.57
N LYS B 124 -8.40 -9.23 -26.17
CA LYS B 124 -7.61 -10.00 -27.12
C LYS B 124 -8.48 -10.88 -28.02
N LYS B 125 -9.48 -11.53 -27.43
CA LYS B 125 -10.47 -12.33 -28.21
C LYS B 125 -11.16 -11.46 -29.26
N LYS B 126 -11.53 -10.23 -28.89
CA LYS B 126 -12.25 -9.34 -29.82
C LYS B 126 -11.34 -8.84 -30.96
N GLU B 127 -10.09 -8.55 -30.66
CA GLU B 127 -9.11 -8.13 -31.65
C GLU B 127 -8.82 -9.27 -32.63
N PHE B 128 -8.59 -10.47 -32.10
CA PHE B 128 -8.34 -11.67 -32.91
C PHE B 128 -9.46 -11.91 -33.90
N GLU B 129 -10.70 -11.84 -33.41
CA GLU B 129 -11.88 -12.09 -34.23
C GLU B 129 -12.04 -11.03 -35.31
N GLU B 130 -11.64 -9.81 -35.01
CA GLU B 130 -11.70 -8.69 -35.95
C GLU B 130 -10.64 -8.84 -37.05
N THR B 131 -9.42 -9.23 -36.66
CA THR B 131 -8.41 -9.57 -37.64
C THR B 131 -8.87 -10.74 -38.52
N ALA B 132 -9.45 -11.76 -37.89
CA ALA B 132 -9.94 -12.88 -38.68
C ALA B 132 -10.97 -12.41 -39.71
N LYS B 133 -11.83 -11.46 -39.35
CA LYS B 133 -12.83 -10.97 -40.30
C LYS B 133 -12.15 -10.32 -41.49
N LYS B 134 -11.11 -9.54 -41.23
CA LYS B 134 -10.43 -8.84 -42.31
C LYS B 134 -9.77 -9.86 -43.25
N VAL B 135 -9.15 -10.88 -42.68
CA VAL B 135 -8.48 -11.89 -43.48
C VAL B 135 -9.49 -12.60 -44.37
N ARG B 136 -10.59 -13.00 -43.76
CA ARG B 136 -11.69 -13.67 -44.46
C ARG B 136 -12.18 -12.87 -45.69
N ARG B 137 -12.49 -11.61 -45.45
CA ARG B 137 -13.03 -10.74 -46.50
C ARG B 137 -12.04 -10.63 -47.65
N ALA B 138 -10.78 -10.50 -47.30
CA ALA B 138 -9.75 -10.33 -48.32
C ALA B 138 -9.54 -11.59 -49.17
N ILE B 139 -9.63 -12.74 -48.54
CA ILE B 139 -9.61 -14.02 -49.27
C ILE B 139 -10.83 -14.18 -50.19
N GLU B 140 -12.02 -13.90 -49.67
CA GLU B 140 -13.22 -13.91 -50.49
C GLU B 140 -13.06 -13.01 -51.71
N GLN B 141 -12.51 -11.81 -51.52
CA GLN B 141 -12.39 -10.86 -52.63
C GLN B 141 -11.46 -11.44 -53.68
N LEU B 142 -10.37 -12.04 -53.24
CA LEU B 142 -9.38 -12.64 -54.12
C LEU B 142 -9.87 -13.87 -54.90
N ALA B 143 -10.66 -14.74 -54.25
CA ALA B 143 -11.29 -15.89 -54.93
C ALA B 143 -12.21 -15.46 -56.10
N ALA B 144 -12.92 -14.34 -55.95
CA ALA B 144 -13.79 -13.84 -57.02
C ALA B 144 -13.01 -13.21 -58.19
N ALA C 1 20.81 -7.64 26.04
CA ALA C 1 21.11 -6.74 24.89
C ALA C 1 21.17 -5.26 25.32
N ARG C 2 22.07 -4.52 24.69
CA ARG C 2 22.27 -3.08 24.98
C ARG C 2 21.99 -2.26 23.73
N TPO C 3 21.68 -0.98 23.96
CA TPO C 3 21.60 0.03 22.90
CB TPO C 3 21.31 1.35 23.58
CG2 TPO C 3 21.31 2.56 22.66
OG1 TPO C 3 20.01 1.20 24.09
P TPO C 3 19.59 2.03 25.38
O1P TPO C 3 20.45 1.27 26.36
O2P TPO C 3 18.11 1.85 25.58
O3P TPO C 3 19.97 3.45 24.98
C TPO C 3 22.88 0.13 22.09
O TPO C 3 23.95 -0.27 22.55
N MLZ C 4 22.77 0.66 20.88
CA MLZ C 4 23.96 0.97 20.08
CB MLZ C 4 23.55 1.07 18.61
CG MLZ C 4 24.60 1.66 17.69
CD MLZ C 4 24.50 1.14 16.26
CE MLZ C 4 24.88 2.25 15.26
NZ MLZ C 4 25.13 1.74 13.92
CM MLZ C 4 24.12 1.72 12.87
C MLZ C 4 24.53 2.26 20.62
O MLZ C 4 23.83 3.03 21.25
N GLN C 5 25.82 2.48 20.42
CA GLN C 5 26.40 3.81 20.67
C GLN C 5 27.54 4.04 19.69
N ALA D 1 -27.04 5.17 -19.19
CA ALA D 1 -25.71 4.99 -19.85
C ALA D 1 -25.67 3.67 -20.61
N ARG D 2 -24.63 3.43 -21.41
CA ARG D 2 -24.60 2.16 -22.18
C ARG D 2 -23.19 1.62 -22.30
N TPO D 3 -23.09 0.29 -22.41
CA TPO D 3 -21.82 -0.38 -22.71
CB TPO D 3 -22.06 -1.84 -23.09
CG2 TPO D 3 -20.73 -2.53 -23.41
OG1 TPO D 3 -22.63 -2.51 -21.99
P TPO D 3 -23.57 -3.79 -22.07
O1P TPO D 3 -24.15 -3.99 -20.67
O2P TPO D 3 -22.64 -4.88 -22.49
O3P TPO D 3 -24.59 -3.28 -23.08
C TPO D 3 -21.21 0.31 -23.87
O TPO D 3 -21.91 0.69 -24.82
N MLZ D 4 -19.90 0.47 -23.85
CA MLZ D 4 -19.20 1.08 -24.99
CB MLZ D 4 -17.95 1.77 -24.44
CG MLZ D 4 -16.65 1.05 -24.80
CD MLZ D 4 -15.62 2.05 -25.26
CE MLZ D 4 -14.25 1.36 -25.35
NZ MLZ D 4 -13.23 2.20 -25.92
CM MLZ D 4 -11.82 1.94 -25.62
C MLZ D 4 -18.81 0.05 -26.03
O MLZ D 4 -18.45 -1.07 -25.66
N GLN D 5 -18.87 0.38 -27.32
CA GLN D 5 -18.54 -0.61 -28.37
C GLN D 5 -17.39 -0.17 -29.29
N THR D 6 -16.91 -1.11 -30.11
CA THR D 6 -16.22 -0.80 -31.38
C THR D 6 -16.86 -1.70 -32.45
ZN ZN E . 9.77 -0.87 18.69
ZN ZN F . -17.70 -2.84 -11.16
#